data_8HLF
#
_entry.id   8HLF
#
_cell.length_a   36.807
_cell.length_b   92.804
_cell.length_c   38.808
_cell.angle_alpha   90.00
_cell.angle_beta   117.76
_cell.angle_gamma   90.00
#
_symmetry.space_group_name_H-M   'P 1 21 1'
#
loop_
_entity.id
_entity.type
_entity.pdbx_description
1 polymer 'Novel protein with potential Cupin domain'
2 non-polymer 'MANGANESE (II) ION'
3 non-polymer '3-[dimethyl(oxidanyl)-$l^{4}-sulfanyl]propanoic acid'
4 water water
#
_entity_poly.entity_id   1
_entity_poly.type   'polypeptide(L)'
_entity_poly.pdbx_seq_one_letter_code
;MIFVKNLASVLSQEWSSTEKYPGVRWKFLIDADFDGSSGLSLGFAEIAPGGDLTLHYHSPAEIAVVTNGKGILNKSGKLE
TIKKGDVVYIAGNAEHALKNNGKETLEFYWIFPTDRFSEVEYFPAKQKSGHHHHHH
;
_entity_poly.pdbx_strand_id   A,B
#
loop_
_chem_comp.id
_chem_comp.type
_chem_comp.name
_chem_comp.formula
LNI non-polymer '3-[dimethyl(oxidanyl)-$l^{4}-sulfanyl]propanoic acid' 'C5 H11 O3 S 1'
MN non-polymer 'MANGANESE (II) ION' 'Mn 2'
#
# COMPACT_ATOMS: atom_id res chain seq x y z
N MET A 1 14.28 1.14 -11.92
CA MET A 1 13.51 0.00 -12.26
C MET A 1 12.04 0.24 -11.90
N ILE A 2 11.17 -0.37 -12.67
CA ILE A 2 9.75 -0.38 -12.47
C ILE A 2 9.29 -1.81 -12.68
N PHE A 3 8.55 -2.37 -11.74
CA PHE A 3 8.06 -3.72 -11.97
C PHE A 3 6.72 -3.94 -11.30
N VAL A 4 6.08 -5.04 -11.73
CA VAL A 4 4.74 -5.41 -11.30
C VAL A 4 4.82 -6.78 -10.65
N LYS A 5 4.09 -6.96 -9.56
CA LYS A 5 4.09 -8.24 -8.85
C LYS A 5 2.73 -8.57 -8.21
N ASN A 6 2.31 -9.83 -8.34
CA ASN A 6 1.06 -10.30 -7.78
C ASN A 6 1.35 -11.61 -7.08
N LEU A 7 0.39 -12.16 -6.38
CA LEU A 7 0.62 -13.39 -5.66
C LEU A 7 1.09 -14.49 -6.58
N ALA A 8 0.53 -14.59 -7.76
CA ALA A 8 0.96 -15.56 -8.74
C ALA A 8 2.42 -15.42 -9.15
N SER A 9 2.94 -14.19 -9.14
CA SER A 9 4.33 -13.94 -9.54
C SER A 9 5.37 -14.43 -8.53
N VAL A 10 4.94 -14.69 -7.31
CA VAL A 10 5.81 -15.15 -6.29
C VAL A 10 5.51 -16.59 -5.84
N LEU A 11 4.98 -17.33 -6.77
CA LEU A 11 4.71 -18.73 -6.52
C LEU A 11 5.94 -19.45 -6.08
N SER A 12 7.08 -19.09 -6.63
CA SER A 12 8.37 -19.69 -6.39
C SER A 12 8.89 -19.49 -4.99
N GLN A 13 8.33 -18.49 -4.30
CA GLN A 13 8.77 -18.10 -2.97
C GLN A 13 7.89 -18.83 -1.95
N GLU A 14 8.52 -19.57 -1.06
CA GLU A 14 7.74 -20.26 -0.03
C GLU A 14 7.23 -19.23 0.97
N TRP A 15 6.09 -19.54 1.58
CA TRP A 15 5.57 -18.69 2.65
C TRP A 15 6.52 -18.67 3.83
N SER A 16 6.70 -17.49 4.41
CA SER A 16 7.42 -17.29 5.65
C SER A 16 6.45 -17.29 6.82
N SER A 17 6.95 -17.74 7.98
CA SER A 17 6.15 -17.76 9.19
C SER A 17 7.09 -17.81 10.39
N THR A 18 6.53 -17.63 11.57
CA THR A 18 7.31 -17.66 12.82
C THR A 18 6.45 -18.20 13.93
N GLU A 19 7.04 -18.92 14.86
CA GLU A 19 6.31 -19.55 15.93
C GLU A 19 5.51 -18.59 16.83
N LYS A 20 6.07 -17.41 17.03
CA LYS A 20 5.43 -16.41 17.84
C LYS A 20 4.14 -15.82 17.27
N TYR A 21 3.87 -16.00 15.98
CA TYR A 21 2.66 -15.46 15.34
C TYR A 21 1.87 -16.63 14.75
N PRO A 22 1.06 -17.30 15.57
CA PRO A 22 0.35 -18.49 15.08
C PRO A 22 -0.67 -18.12 14.03
N GLY A 23 -0.72 -18.94 12.98
CA GLY A 23 -1.66 -18.72 11.91
C GLY A 23 -1.36 -17.53 11.03
N VAL A 24 -0.13 -17.04 11.04
CA VAL A 24 0.29 -15.91 10.23
C VAL A 24 1.36 -16.39 9.25
N ARG A 25 1.22 -16.02 7.97
CA ARG A 25 2.23 -16.33 6.98
C ARG A 25 2.30 -15.19 5.98
N TRP A 26 3.47 -15.03 5.35
CA TRP A 26 3.65 -13.87 4.49
C TRP A 26 4.65 -14.17 3.38
N LYS A 27 4.61 -13.31 2.37
CA LYS A 27 5.58 -13.30 1.29
C LYS A 27 6.01 -11.87 1.02
N PHE A 28 7.20 -11.74 0.45
CA PHE A 28 7.80 -10.46 0.13
C PHE A 28 7.65 -10.19 -1.36
N LEU A 29 6.95 -9.11 -1.70
CA LEU A 29 6.68 -8.80 -3.10
C LEU A 29 7.54 -7.66 -3.63
N ILE A 30 7.86 -6.68 -2.81
CA ILE A 30 8.74 -5.58 -3.21
C ILE A 30 9.76 -5.45 -2.08
N ASP A 31 11.00 -5.85 -2.34
CA ASP A 31 11.95 -5.98 -1.24
C ASP A 31 13.36 -6.04 -1.78
N ALA A 32 14.26 -5.22 -1.21
CA ALA A 32 15.61 -5.17 -1.78
C ALA A 32 16.33 -6.51 -1.71
N ASP A 33 15.99 -7.38 -0.74
CA ASP A 33 16.62 -8.70 -0.66
C ASP A 33 16.20 -9.61 -1.80
N PHE A 34 15.15 -9.22 -2.50
CA PHE A 34 14.60 -10.04 -3.58
C PHE A 34 14.68 -9.35 -4.94
N ASP A 35 14.62 -8.03 -4.93
CA ASP A 35 14.32 -7.23 -6.08
C ASP A 35 15.24 -6.08 -6.36
N GLY A 36 16.02 -5.66 -5.40
CA GLY A 36 16.85 -4.49 -5.64
C GLY A 36 16.09 -3.17 -5.76
N SER A 37 14.83 -3.18 -5.39
CA SER A 37 14.10 -1.98 -5.17
C SER A 37 14.61 -1.27 -3.95
N SER A 38 14.19 -0.01 -3.76
CA SER A 38 14.64 0.75 -2.60
C SER A 38 13.75 1.95 -2.28
N GLY A 39 13.62 2.24 -0.98
CA GLY A 39 12.82 3.37 -0.51
C GLY A 39 11.52 2.95 0.15
N LEU A 40 10.85 1.98 -0.44
CA LEU A 40 9.62 1.38 0.08
C LEU A 40 9.74 -0.12 -0.07
N SER A 41 9.17 -0.86 0.87
CA SER A 41 9.11 -2.31 0.75
C SER A 41 7.71 -2.77 1.10
N LEU A 42 7.29 -3.88 0.47
CA LEU A 42 5.92 -4.34 0.60
C LEU A 42 5.87 -5.86 0.69
N GLY A 43 5.01 -6.36 1.56
CA GLY A 43 4.74 -7.77 1.64
C GLY A 43 3.26 -8.04 1.65
N PHE A 44 2.90 -9.31 1.54
CA PHE A 44 1.51 -9.75 1.61
C PHE A 44 1.40 -10.78 2.71
N ALA A 45 0.40 -10.61 3.58
CA ALA A 45 0.24 -11.47 4.73
C ALA A 45 -1.16 -12.07 4.76
N GLU A 46 -1.23 -13.32 5.20
CA GLU A 46 -2.49 -13.98 5.49
C GLU A 46 -2.53 -14.33 6.97
N ILE A 47 -3.62 -13.97 7.63
CA ILE A 47 -3.87 -14.44 8.98
C ILE A 47 -5.05 -15.40 8.89
N ALA A 48 -4.77 -16.69 9.12
CA ALA A 48 -5.79 -17.71 9.07
C ALA A 48 -6.81 -17.48 10.17
N PRO A 49 -8.01 -18.05 10.05
CA PRO A 49 -8.96 -17.98 11.16
C PRO A 49 -8.29 -18.42 12.45
N GLY A 50 -8.47 -17.63 13.50
CA GLY A 50 -7.86 -17.88 14.78
C GLY A 50 -6.46 -17.32 14.94
N GLY A 51 -5.83 -16.88 13.85
CA GLY A 51 -4.45 -16.44 13.92
C GLY A 51 -4.28 -15.09 14.61
N ASP A 52 -3.08 -14.85 15.08
CA ASP A 52 -2.84 -13.69 15.94
C ASP A 52 -1.45 -13.16 15.67
N LEU A 53 -1.37 -11.96 15.13
CA LEU A 53 -0.13 -11.20 15.06
C LEU A 53 -0.07 -10.41 16.35
N THR A 54 0.72 -10.89 17.32
CA THR A 54 0.58 -10.37 18.68
C THR A 54 1.24 -8.99 18.82
N LEU A 55 0.99 -8.37 19.97
CA LEU A 55 1.36 -6.97 20.18
C LEU A 55 2.86 -6.76 20.05
N HIS A 56 3.24 -5.79 19.23
CA HIS A 56 4.66 -5.58 18.92
C HIS A 56 4.82 -4.15 18.42
N TYR A 57 6.07 -3.75 18.24
CA TYR A 57 6.35 -2.47 17.65
C TYR A 57 7.69 -2.55 16.90
N HIS A 58 7.91 -1.55 16.06
CA HIS A 58 9.15 -1.40 15.30
C HIS A 58 9.30 0.06 14.93
N SER A 59 10.55 0.48 14.75
CA SER A 59 10.82 1.90 14.58
C SER A 59 10.20 2.53 13.33
N PRO A 60 10.17 1.88 12.16
CA PRO A 60 9.55 2.54 11.01
C PRO A 60 8.03 2.59 11.14
N ALA A 61 7.45 3.68 10.63
CA ALA A 61 6.02 3.71 10.38
C ALA A 61 5.62 2.60 9.43
N GLU A 62 4.33 2.23 9.47
CA GLU A 62 3.85 1.11 8.68
C GLU A 62 2.46 1.43 8.17
N ILE A 63 2.17 1.00 6.94
CA ILE A 63 0.82 1.05 6.40
C ILE A 63 0.36 -0.38 6.11
N ALA A 64 -0.88 -0.68 6.45
CA ALA A 64 -1.50 -1.93 6.04
C ALA A 64 -2.66 -1.63 5.11
N VAL A 65 -2.81 -2.46 4.08
CA VAL A 65 -3.91 -2.33 3.11
C VAL A 65 -4.70 -3.65 3.19
N VAL A 66 -5.90 -3.61 3.76
CA VAL A 66 -6.66 -4.84 3.98
C VAL A 66 -7.43 -5.19 2.71
N THR A 67 -7.21 -6.40 2.21
CA THR A 67 -7.78 -6.81 0.92
C THR A 67 -8.84 -7.90 1.03
N ASN A 68 -8.94 -8.54 2.16
CA ASN A 68 -9.98 -9.55 2.38
C ASN A 68 -10.16 -9.90 3.86
N GLY A 69 -11.34 -10.33 4.23
CA GLY A 69 -11.55 -10.72 5.59
C GLY A 69 -11.81 -9.61 6.57
N LYS A 70 -11.75 -9.97 7.84
CA LYS A 70 -12.00 -9.08 8.92
C LYS A 70 -11.07 -9.40 10.04
N GLY A 71 -10.67 -8.37 10.74
CA GLY A 71 -9.79 -8.51 11.85
C GLY A 71 -9.99 -7.51 12.95
N ILE A 72 -9.38 -7.82 14.08
CA ILE A 72 -9.43 -6.95 15.25
C ILE A 72 -8.05 -6.33 15.39
N LEU A 73 -7.96 -5.03 15.08
CA LEU A 73 -6.74 -4.27 15.22
C LEU A 73 -6.62 -3.74 16.65
N ASN A 74 -5.54 -4.08 17.32
CA ASN A 74 -5.25 -3.52 18.64
C ASN A 74 -4.39 -2.29 18.45
N LYS A 75 -4.98 -1.11 18.68
CA LYS A 75 -4.29 0.16 18.51
C LYS A 75 -3.75 0.59 19.87
N SER A 76 -2.63 0.02 20.26
CA SER A 76 -1.99 0.33 21.52
C SER A 76 -2.99 0.35 22.66
N GLY A 77 -3.85 -0.64 22.66
CA GLY A 77 -4.83 -0.81 23.72
C GLY A 77 -6.26 -0.50 23.40
N LYS A 78 -6.52 0.11 22.25
CA LYS A 78 -7.85 0.38 21.84
C LYS A 78 -8.16 -0.48 20.64
N LEU A 79 -9.22 -1.24 20.69
CA LEU A 79 -9.57 -2.12 19.60
C LEU A 79 -10.42 -1.49 18.50
N GLU A 80 -10.16 -1.84 17.26
CA GLU A 80 -11.02 -1.42 16.16
C GLU A 80 -11.07 -2.55 15.13
N THR A 81 -12.27 -2.83 14.63
CA THR A 81 -12.43 -3.83 13.60
C THR A 81 -11.99 -3.25 12.26
N ILE A 82 -11.25 -4.03 11.49
CA ILE A 82 -10.84 -3.63 10.16
C ILE A 82 -11.31 -4.68 9.17
N LYS A 83 -11.47 -4.27 7.91
CA LYS A 83 -12.02 -5.17 6.91
C LYS A 83 -11.55 -4.74 5.52
N LYS A 84 -11.87 -5.57 4.54
CA LYS A 84 -11.58 -5.27 3.13
C LYS A 84 -11.96 -3.84 2.80
N GLY A 85 -11.03 -3.12 2.16
CA GLY A 85 -11.26 -1.73 1.80
C GLY A 85 -10.68 -0.75 2.79
N ASP A 86 -10.16 -1.21 3.91
CA ASP A 86 -9.52 -0.34 4.87
C ASP A 86 -8.03 -0.23 4.61
N VAL A 87 -7.48 0.93 4.96
CA VAL A 87 -6.04 1.12 5.10
C VAL A 87 -5.77 1.53 6.54
N VAL A 88 -4.58 1.20 7.03
CA VAL A 88 -4.21 1.44 8.43
C VAL A 88 -2.87 2.14 8.44
N TYR A 89 -2.76 3.20 9.23
CA TYR A 89 -1.47 3.84 9.51
C TYR A 89 -1.05 3.48 10.92
N ILE A 90 0.20 3.03 11.06
CA ILE A 90 0.76 2.69 12.37
C ILE A 90 2.03 3.52 12.54
N ALA A 91 2.01 4.49 13.46
CA ALA A 91 3.20 5.32 13.63
C ALA A 91 4.38 4.48 14.10
N GLY A 92 5.57 4.93 13.74
CA GLY A 92 6.78 4.28 14.22
C GLY A 92 6.76 4.10 15.71
N ASN A 93 7.12 2.90 16.16
CA ASN A 93 7.20 2.47 17.55
C ASN A 93 5.85 2.41 18.26
N ALA A 94 4.72 2.61 17.56
CA ALA A 94 3.43 2.43 18.19
C ALA A 94 3.13 0.94 18.32
N GLU A 95 2.64 0.55 19.49
CA GLU A 95 2.38 -0.86 19.76
C GLU A 95 1.07 -1.30 19.13
N HIS A 96 1.10 -2.41 18.40
CA HIS A 96 -0.07 -2.84 17.63
C HIS A 96 -0.11 -4.35 17.50
N ALA A 97 -1.32 -4.85 17.25
CA ALA A 97 -1.57 -6.27 17.08
C ALA A 97 -2.75 -6.43 16.14
N LEU A 98 -2.85 -7.60 15.53
CA LEU A 98 -3.95 -7.87 14.60
C LEU A 98 -4.39 -9.31 14.75
N LYS A 99 -5.63 -9.52 15.17
CA LYS A 99 -6.20 -10.84 15.40
C LYS A 99 -7.27 -11.13 14.35
N ASN A 100 -7.39 -12.39 13.98
CA ASN A 100 -8.48 -12.83 13.12
C ASN A 100 -9.30 -13.82 13.89
N ASN A 101 -10.51 -13.47 14.22
CA ASN A 101 -11.38 -14.45 14.87
C ASN A 101 -12.60 -14.81 14.01
N GLY A 102 -12.48 -14.52 12.73
CA GLY A 102 -13.50 -14.79 11.74
C GLY A 102 -13.23 -16.12 11.11
N LYS A 103 -14.13 -16.50 10.23
CA LYS A 103 -14.07 -17.74 9.53
C LYS A 103 -13.29 -17.73 8.22
N GLU A 104 -13.02 -16.55 7.72
CA GLU A 104 -12.28 -16.44 6.49
C GLU A 104 -10.92 -15.88 6.74
N THR A 105 -10.03 -16.09 5.80
CA THR A 105 -8.70 -15.53 5.90
C THR A 105 -8.74 -14.00 5.89
N LEU A 106 -7.97 -13.43 6.78
CA LEU A 106 -7.70 -12.00 6.78
C LEU A 106 -6.44 -11.75 5.96
N GLU A 107 -6.55 -10.96 4.88
CA GLU A 107 -5.46 -10.75 3.95
C GLU A 107 -5.10 -9.27 3.93
N PHE A 108 -3.81 -8.96 3.94
CA PHE A 108 -3.43 -7.57 3.79
C PHE A 108 -2.02 -7.45 3.22
N TYR A 109 -1.77 -6.33 2.54
CA TYR A 109 -0.42 -5.89 2.28
C TYR A 109 0.08 -5.03 3.42
N TRP A 110 1.39 -5.07 3.67
CA TRP A 110 2.03 -4.07 4.50
C TRP A 110 3.09 -3.35 3.70
N ILE A 111 3.36 -2.11 4.09
CA ILE A 111 4.38 -1.27 3.47
C ILE A 111 5.19 -0.61 4.57
N PHE A 112 6.51 -0.64 4.41
CA PHE A 112 7.44 0.06 5.28
C PHE A 112 8.25 1.04 4.43
N PRO A 113 8.68 2.16 5.03
CA PRO A 113 9.62 3.08 4.37
C PRO A 113 11.05 2.60 4.52
N THR A 114 11.29 1.36 4.14
CA THR A 114 12.62 0.75 4.20
C THR A 114 12.87 0.09 2.85
N ASP A 115 14.15 -0.14 2.55
CA ASP A 115 14.48 -0.91 1.35
C ASP A 115 14.03 -2.35 1.48
N ARG A 116 14.09 -2.92 2.67
CA ARG A 116 13.86 -4.33 2.82
C ARG A 116 13.27 -4.62 4.20
N PHE A 117 12.53 -5.72 4.25
CA PHE A 117 11.90 -6.16 5.49
C PHE A 117 12.93 -6.42 6.57
N SER A 118 14.11 -6.93 6.19
CA SER A 118 15.12 -7.28 7.17
C SER A 118 15.75 -6.05 7.85
N GLU A 119 15.45 -4.84 7.39
CA GLU A 119 15.82 -3.63 8.11
C GLU A 119 14.90 -3.29 9.27
N VAL A 120 13.84 -4.06 9.44
CA VAL A 120 12.86 -3.77 10.46
C VAL A 120 13.01 -4.72 11.62
N GLU A 121 13.42 -4.17 12.76
CA GLU A 121 13.59 -4.94 13.94
C GLU A 121 12.31 -4.89 14.75
N TYR A 122 11.75 -6.05 15.01
CA TYR A 122 10.51 -6.20 15.76
C TYR A 122 10.78 -6.38 17.25
N PHE A 123 10.02 -5.70 18.06
CA PHE A 123 10.14 -5.81 19.51
C PHE A 123 8.79 -6.20 20.09
N PRO A 124 8.77 -7.09 21.06
CA PRO A 124 7.49 -7.47 21.69
C PRO A 124 7.02 -6.40 22.65
N ALA A 125 5.69 -6.30 22.79
CA ALA A 125 5.09 -5.35 23.70
C ALA A 125 4.14 -6.06 24.65
N LYS A 126 3.92 -5.43 25.80
CA LYS A 126 2.90 -5.77 26.81
C LYS A 126 2.07 -7.01 26.56
N MET B 1 0.13 7.15 17.50
CA MET B 1 -0.88 7.40 16.49
C MET B 1 -1.08 6.16 15.63
N ILE B 2 -2.28 5.58 15.69
CA ILE B 2 -2.68 4.47 14.83
C ILE B 2 -4.11 4.74 14.40
N PHE B 3 -4.38 4.65 13.09
CA PHE B 3 -5.76 4.92 12.68
C PHE B 3 -6.10 4.18 11.41
N VAL B 4 -7.40 4.05 11.18
CA VAL B 4 -7.97 3.30 10.06
C VAL B 4 -8.73 4.28 9.17
N LYS B 5 -8.58 4.11 7.85
CA LYS B 5 -9.30 4.95 6.90
C LYS B 5 -9.90 4.10 5.79
N ASN B 6 -11.02 4.59 5.24
CA ASN B 6 -11.61 4.04 4.04
C ASN B 6 -12.35 5.17 3.34
N LEU B 7 -12.99 4.88 2.21
CA LEU B 7 -13.64 5.97 1.48
C LEU B 7 -14.75 6.59 2.31
N ALA B 8 -15.42 5.80 3.15
CA ALA B 8 -16.46 6.36 4.00
C ALA B 8 -15.86 7.40 4.97
N SER B 9 -14.65 7.14 5.46
CA SER B 9 -14.01 8.04 6.42
C SER B 9 -13.66 9.40 5.83
N VAL B 10 -13.45 9.47 4.53
CA VAL B 10 -13.05 10.70 3.86
C VAL B 10 -14.15 11.22 2.96
N LEU B 11 -15.40 10.84 3.24
CA LEU B 11 -16.53 11.31 2.45
C LEU B 11 -16.61 12.83 2.43
N SER B 12 -16.22 13.49 3.51
CA SER B 12 -16.32 14.95 3.58
C SER B 12 -15.11 15.67 2.96
N GLN B 13 -14.08 14.94 2.54
CA GLN B 13 -13.00 15.52 1.75
C GLN B 13 -13.41 15.55 0.29
N GLU B 14 -13.28 16.67 -0.38
CA GLU B 14 -13.63 16.71 -1.73
C GLU B 14 -12.60 15.97 -2.57
N TRP B 15 -13.05 15.43 -3.70
CA TRP B 15 -12.12 14.82 -4.65
C TRP B 15 -11.21 15.89 -5.22
N SER B 16 -9.93 15.54 -5.36
CA SER B 16 -8.98 16.39 -6.07
C SER B 16 -8.90 15.98 -7.53
N SER B 17 -8.72 16.97 -8.40
CA SER B 17 -8.62 16.74 -9.83
C SER B 17 -8.08 18.01 -10.47
N THR B 18 -7.66 17.88 -11.72
CA THR B 18 -7.21 19.05 -12.46
C THR B 18 -7.57 18.85 -13.92
N GLU B 19 -7.88 19.96 -14.59
CA GLU B 19 -8.14 19.94 -16.02
C GLU B 19 -6.95 19.41 -16.81
N LYS B 20 -5.80 19.44 -16.18
CA LYS B 20 -4.62 18.94 -16.83
C LYS B 20 -4.61 17.48 -17.03
N TYR B 21 -5.32 16.72 -16.20
CA TYR B 21 -5.37 15.30 -16.31
C TYR B 21 -6.85 14.85 -16.31
N PRO B 22 -7.50 14.99 -17.52
CA PRO B 22 -8.88 14.54 -17.55
C PRO B 22 -9.10 13.06 -17.15
N GLY B 23 -10.14 12.85 -16.40
CA GLY B 23 -10.54 11.52 -16.01
C GLY B 23 -9.83 10.96 -14.79
N VAL B 24 -8.98 11.76 -14.17
CA VAL B 24 -8.26 11.30 -13.00
C VAL B 24 -8.71 12.06 -11.75
N ARG B 25 -8.97 11.36 -10.66
CA ARG B 25 -9.36 12.02 -9.43
C ARG B 25 -8.70 11.30 -8.25
N TRP B 26 -8.50 12.01 -7.14
CA TRP B 26 -7.85 11.40 -6.00
C TRP B 26 -8.24 11.98 -4.66
N LYS B 27 -8.08 11.20 -3.61
CA LYS B 27 -8.23 11.66 -2.24
C LYS B 27 -7.03 11.20 -1.43
N PHE B 28 -6.82 11.90 -0.31
CA PHE B 28 -5.70 11.61 0.58
C PHE B 28 -6.24 10.87 1.79
N LEU B 29 -5.71 9.66 2.05
CA LEU B 29 -6.23 8.87 3.17
C LEU B 29 -5.28 8.81 4.35
N ILE B 30 -3.97 8.82 4.11
CA ILE B 30 -2.96 8.87 5.16
C ILE B 30 -1.99 9.97 4.75
N ASP B 31 -1.99 11.09 5.47
CA ASP B 31 -1.28 12.26 4.96
C ASP B 31 -1.10 13.29 6.05
N ALA B 32 0.13 13.81 6.19
CA ALA B 32 0.40 14.74 7.28
C ALA B 32 -0.50 15.97 7.24
N ASP B 33 -0.93 16.41 6.05
CA ASP B 33 -1.73 17.63 5.98
C ASP B 33 -3.11 17.43 6.56
N PHE B 34 -3.57 16.19 6.65
CA PHE B 34 -4.89 15.85 7.16
C PHE B 34 -4.85 15.10 8.48
N ASP B 35 -3.78 14.35 8.73
CA ASP B 35 -3.71 13.39 9.82
C ASP B 35 -2.57 13.60 10.80
N GLY B 36 -1.54 14.36 10.44
CA GLY B 36 -0.37 14.43 11.29
C GLY B 36 0.51 13.19 11.32
N SER B 37 0.26 12.24 10.42
CA SER B 37 1.08 11.06 10.25
C SER B 37 2.41 11.45 9.60
N SER B 38 3.34 10.49 9.58
CA SER B 38 4.67 10.74 9.06
C SER B 38 5.28 9.45 8.55
N GLY B 39 6.31 9.62 7.70
CA GLY B 39 7.13 8.52 7.25
C GLY B 39 6.62 7.87 5.99
N LEU B 40 5.31 7.70 5.90
CA LEU B 40 4.60 7.12 4.76
C LEU B 40 3.34 7.92 4.56
N SER B 41 2.94 8.09 3.31
CA SER B 41 1.68 8.72 2.96
C SER B 41 1.00 7.91 1.88
N LEU B 42 -0.33 7.96 1.87
CA LEU B 42 -1.10 7.11 0.96
C LEU B 42 -2.31 7.87 0.47
N GLY B 43 -2.62 7.70 -0.81
CA GLY B 43 -3.83 8.24 -1.38
C GLY B 43 -4.56 7.16 -2.16
N PHE B 44 -5.79 7.50 -2.56
CA PHE B 44 -6.61 6.65 -3.41
C PHE B 44 -6.91 7.41 -4.68
N ALA B 45 -6.63 6.80 -5.83
CA ALA B 45 -6.80 7.44 -7.13
C ALA B 45 -7.74 6.61 -8.00
N GLU B 46 -8.50 7.31 -8.84
CA GLU B 46 -9.37 6.69 -9.84
C GLU B 46 -9.05 7.25 -11.21
N ILE B 47 -8.96 6.37 -12.20
CA ILE B 47 -8.78 6.79 -13.58
C ILE B 47 -9.98 6.28 -14.38
N ALA B 48 -10.77 7.21 -14.89
CA ALA B 48 -11.95 6.83 -15.66
C ALA B 48 -11.51 6.17 -16.97
N PRO B 49 -12.42 5.43 -17.61
CA PRO B 49 -12.09 4.85 -18.93
C PRO B 49 -11.59 5.92 -19.89
N GLY B 50 -10.49 5.63 -20.56
CA GLY B 50 -9.83 6.59 -21.43
C GLY B 50 -8.91 7.57 -20.74
N GLY B 51 -8.90 7.62 -19.41
CA GLY B 51 -8.04 8.55 -18.70
C GLY B 51 -6.58 8.15 -18.70
N ASP B 52 -5.71 9.11 -18.58
CA ASP B 52 -4.31 8.87 -18.64
C ASP B 52 -3.54 9.70 -17.71
N LEU B 53 -2.85 9.04 -16.82
CA LEU B 53 -1.94 9.70 -15.95
C LEU B 53 -0.65 9.71 -16.79
N THR B 54 -0.42 10.79 -17.51
CA THR B 54 0.69 10.87 -18.43
C THR B 54 2.08 10.75 -17.87
N LEU B 55 3.00 10.52 -18.76
CA LEU B 55 4.37 10.21 -18.37
C LEU B 55 4.95 11.30 -17.48
N HIS B 56 5.42 10.90 -16.29
CA HIS B 56 5.90 11.85 -15.30
C HIS B 56 6.90 11.17 -14.39
N TYR B 57 7.55 11.98 -13.53
CA TYR B 57 8.46 11.43 -12.54
C TYR B 57 8.43 12.33 -11.31
N HIS B 58 8.98 11.79 -10.23
CA HIS B 58 9.10 12.47 -8.95
C HIS B 58 10.15 11.74 -8.14
N SER B 59 10.86 12.49 -7.29
CA SER B 59 12.03 11.92 -6.62
C SER B 59 11.73 10.75 -5.68
N PRO B 60 10.64 10.71 -4.90
CA PRO B 60 10.42 9.54 -4.04
C PRO B 60 10.06 8.31 -4.85
N ALA B 61 10.51 7.16 -4.35
CA ALA B 61 9.97 5.90 -4.85
C ALA B 61 8.47 5.84 -4.56
N GLU B 62 7.78 4.97 -5.30
CA GLU B 62 6.33 4.89 -5.23
C GLU B 62 5.90 3.43 -5.31
N ILE B 63 4.87 3.07 -4.56
CA ILE B 63 4.18 1.80 -4.75
C ILE B 63 2.74 2.09 -5.11
N ALA B 64 2.21 1.38 -6.09
CA ALA B 64 0.78 1.41 -6.38
C ALA B 64 0.19 0.05 -6.07
N VAL B 65 -1.00 0.05 -5.47
CA VAL B 65 -1.75 -1.16 -5.18
C VAL B 65 -3.07 -1.08 -5.95
N VAL B 66 -3.24 -1.94 -6.95
CA VAL B 66 -4.39 -1.84 -7.85
C VAL B 66 -5.56 -2.58 -7.22
N THR B 67 -6.67 -1.87 -7.01
CA THR B 67 -7.81 -2.42 -6.29
C THR B 67 -9.01 -2.65 -7.19
N ASN B 68 -9.02 -2.11 -8.40
CA ASN B 68 -10.16 -2.33 -9.29
C ASN B 68 -9.72 -2.04 -10.71
N GLY B 69 -10.25 -2.78 -11.65
CA GLY B 69 -9.99 -2.52 -13.03
C GLY B 69 -8.70 -2.95 -13.62
N LYS B 70 -8.38 -2.38 -14.75
CA LYS B 70 -7.17 -2.69 -15.42
C LYS B 70 -6.64 -1.53 -16.20
N GLY B 71 -5.34 -1.56 -16.44
CA GLY B 71 -4.74 -0.53 -17.20
C GLY B 71 -3.42 -0.89 -17.83
N ILE B 72 -2.83 0.10 -18.47
CA ILE B 72 -1.58 -0.07 -19.12
C ILE B 72 -0.56 0.79 -18.45
N LEU B 73 0.43 0.15 -17.86
CA LEU B 73 1.50 0.86 -17.20
C LEU B 73 2.63 1.09 -18.16
N ASN B 74 3.05 2.33 -18.25
CA ASN B 74 4.17 2.69 -19.13
C ASN B 74 5.43 2.73 -18.28
N LYS B 75 6.25 1.69 -18.37
CA LYS B 75 7.48 1.58 -17.59
C LYS B 75 8.63 2.19 -18.38
N SER B 76 8.67 3.52 -18.41
CA SER B 76 9.71 4.21 -19.11
C SER B 76 9.93 3.77 -20.55
N GLY B 77 8.82 3.49 -21.24
CA GLY B 77 8.88 3.06 -22.62
C GLY B 77 8.40 1.64 -22.87
N LYS B 78 8.40 0.82 -21.82
CA LYS B 78 7.96 -0.57 -21.94
C LYS B 78 6.62 -0.72 -21.25
N LEU B 79 5.65 -1.16 -22.02
CA LEU B 79 4.33 -1.27 -21.51
C LEU B 79 4.05 -2.60 -20.90
N GLU B 80 3.25 -2.57 -19.85
CA GLU B 80 2.82 -3.79 -19.19
C GLU B 80 1.41 -3.56 -18.67
N THR B 81 0.53 -4.54 -18.87
CA THR B 81 -0.83 -4.41 -18.34
C THR B 81 -0.81 -4.67 -16.84
N ILE B 82 -1.64 -3.92 -16.11
CA ILE B 82 -1.81 -4.16 -14.69
C ILE B 82 -3.29 -4.31 -14.40
N LYS B 83 -3.61 -4.95 -13.29
CA LYS B 83 -4.97 -5.17 -12.92
C LYS B 83 -5.17 -5.38 -11.45
N LYS B 84 -6.42 -5.41 -11.05
CA LYS B 84 -6.76 -5.68 -9.67
C LYS B 84 -5.95 -6.85 -9.11
N GLY B 85 -5.37 -6.64 -7.94
CA GLY B 85 -4.52 -7.63 -7.32
C GLY B 85 -3.04 -7.44 -7.59
N ASP B 86 -2.67 -6.50 -8.46
CA ASP B 86 -1.26 -6.23 -8.71
C ASP B 86 -0.76 -5.15 -7.76
N VAL B 87 0.54 -5.24 -7.46
CA VAL B 87 1.26 -4.13 -6.84
C VAL B 87 2.35 -3.71 -7.81
N VAL B 88 2.71 -2.42 -7.77
CA VAL B 88 3.68 -1.85 -8.70
C VAL B 88 4.74 -1.12 -7.89
N TYR B 89 6.00 -1.38 -8.21
CA TYR B 89 7.12 -0.62 -7.65
C TYR B 89 7.64 0.33 -8.71
N ILE B 90 7.80 1.59 -8.35
CA ILE B 90 8.34 2.61 -9.27
C ILE B 90 9.51 3.30 -8.57
N ALA B 91 10.72 3.07 -9.07
CA ALA B 91 11.88 3.69 -8.46
C ALA B 91 11.78 5.21 -8.51
N GLY B 92 12.40 5.88 -7.52
CA GLY B 92 12.44 7.33 -7.54
C GLY B 92 12.97 7.86 -8.85
N ASN B 93 12.30 8.88 -9.41
CA ASN B 93 12.64 9.58 -10.65
C ASN B 93 12.50 8.69 -11.89
N ALA B 94 11.95 7.50 -11.78
CA ALA B 94 11.69 6.71 -12.97
C ALA B 94 10.43 7.23 -13.68
N GLU B 95 10.52 7.39 -14.99
CA GLU B 95 9.37 7.90 -15.75
C GLU B 95 8.31 6.82 -15.91
N HIS B 96 7.07 7.18 -15.59
CA HIS B 96 6.00 6.21 -15.65
C HIS B 96 4.69 6.91 -15.98
N ALA B 97 3.76 6.13 -16.52
CA ALA B 97 2.43 6.59 -16.87
C ALA B 97 1.47 5.44 -16.65
N LEU B 98 0.19 5.76 -16.54
CA LEU B 98 -0.87 4.76 -16.35
C LEU B 98 -2.12 5.15 -17.10
N LYS B 99 -2.52 4.33 -18.05
CA LYS B 99 -3.69 4.51 -18.89
C LYS B 99 -4.80 3.47 -18.61
N ASN B 100 -6.05 3.91 -18.55
CA ASN B 100 -7.15 3.04 -18.39
C ASN B 100 -7.85 2.80 -19.75
N ASN B 101 -7.82 1.55 -20.21
CA ASN B 101 -8.44 1.16 -21.48
C ASN B 101 -9.52 0.09 -21.29
N GLY B 102 -10.16 0.05 -20.13
CA GLY B 102 -11.11 -1.00 -19.80
C GLY B 102 -12.51 -0.46 -19.55
N LYS B 103 -13.41 -1.38 -19.18
CA LYS B 103 -14.78 -0.96 -18.87
C LYS B 103 -14.87 -0.32 -17.48
N GLU B 104 -14.20 -0.92 -16.51
CA GLU B 104 -14.32 -0.47 -15.13
C GLU B 104 -13.41 0.74 -14.87
N THR B 105 -13.75 1.47 -13.82
CA THR B 105 -12.81 2.45 -13.27
C THR B 105 -11.55 1.73 -12.85
N LEU B 106 -10.40 2.31 -13.19
CA LEU B 106 -9.12 1.85 -12.68
C LEU B 106 -8.88 2.57 -11.35
N GLU B 107 -8.79 1.81 -10.28
CA GLU B 107 -8.69 2.34 -8.93
C GLU B 107 -7.43 1.79 -8.29
N PHE B 108 -6.70 2.63 -7.58
CA PHE B 108 -5.52 2.13 -6.90
C PHE B 108 -5.16 3.03 -5.74
N TYR B 109 -4.48 2.46 -4.77
CA TYR B 109 -3.75 3.26 -3.79
C TYR B 109 -2.35 3.55 -4.29
N TRP B 110 -1.84 4.72 -3.94
CA TRP B 110 -0.42 4.99 -4.10
C TRP B 110 0.18 5.25 -2.73
N ILE B 111 1.45 4.91 -2.56
CA ILE B 111 2.18 5.14 -1.31
C ILE B 111 3.51 5.77 -1.65
N PHE B 112 3.88 6.82 -0.90
CA PHE B 112 5.17 7.48 -0.96
C PHE B 112 5.86 7.39 0.39
N PRO B 113 7.18 7.28 0.43
CA PRO B 113 7.94 7.42 1.68
C PRO B 113 8.11 8.87 2.09
N THR B 114 7.01 9.60 2.14
CA THR B 114 7.01 11.00 2.53
C THR B 114 5.92 11.22 3.55
N ASP B 115 6.04 12.30 4.33
CA ASP B 115 4.99 12.61 5.28
C ASP B 115 3.68 12.98 4.59
N ARG B 116 3.76 13.59 3.39
CA ARG B 116 2.55 14.10 2.75
C ARG B 116 2.73 14.14 1.25
N PHE B 117 1.60 14.17 0.54
CA PHE B 117 1.60 14.28 -0.91
C PHE B 117 2.09 15.64 -1.37
N SER B 118 1.72 16.70 -0.65
CA SER B 118 1.88 18.05 -1.21
C SER B 118 3.33 18.46 -1.34
N GLU B 119 4.25 17.78 -0.68
CA GLU B 119 5.67 18.10 -0.81
C GLU B 119 6.36 17.37 -1.94
N VAL B 120 5.66 16.44 -2.60
CA VAL B 120 6.23 15.73 -3.73
C VAL B 120 6.09 16.60 -4.97
N GLU B 121 7.20 16.89 -5.62
CA GLU B 121 7.15 17.69 -6.85
C GLU B 121 7.01 16.75 -8.04
N TYR B 122 5.90 16.87 -8.75
CA TYR B 122 5.66 16.12 -9.97
C TYR B 122 6.24 16.87 -11.16
N PHE B 123 6.92 16.13 -12.02
CA PHE B 123 7.45 16.71 -13.24
C PHE B 123 6.91 15.95 -14.43
N PRO B 124 6.50 16.64 -15.46
CA PRO B 124 6.11 15.95 -16.66
C PRO B 124 7.39 15.46 -17.30
N ALA B 125 7.34 14.35 -18.01
CA ALA B 125 8.49 13.81 -18.62
C ALA B 125 8.86 14.65 -19.87
N LYS B 126 7.85 15.18 -20.51
CA LYS B 126 7.99 15.96 -21.77
C LYS B 126 6.92 17.03 -21.90
MN MN C . 3.90 -4.24 12.63
O01 LNI D . 2.35 -5.51 11.16
C01 LNI D . 3.44 -5.97 10.72
C02 LNI D . 3.44 -7.22 9.85
O02 LNI D . 4.52 -5.38 10.97
C03 LNI D . 4.36 -8.28 10.49
S01 LNI D . 4.76 -9.56 9.26
C04 LNI D . 5.92 -8.88 8.04
C05 LNI D . 3.24 -10.09 8.42
O03 LNI D . 5.36 -10.70 9.94
MN MN E . 3.82 8.73 -9.99
O01 LNI F . 1.54 7.85 -9.97
C01 LNI F . 1.21 8.78 -9.19
C02 LNI F . -0.27 9.03 -8.89
O02 LNI F . 2.09 9.51 -8.66
C03 LNI F . -0.41 10.22 -7.94
S01 LNI F . -1.99 11.06 -8.25
C04 LNI F . -3.18 9.88 -8.95
C05 LNI F . -2.64 11.73 -6.69
O03 LNI F . -1.78 12.16 -9.19
#